data_5JLX
#
_entry.id   5JLX
#
_cell.length_a   60.864
_cell.length_b   75.581
_cell.length_c   91.876
_cell.angle_alpha   90.00
_cell.angle_beta   90.00
_cell.angle_gamma   90.00
#
_symmetry.space_group_name_H-M   'P 2 2 21'
#
loop_
_entity.id
_entity.type
_entity.pdbx_description
1 polymer 'Homeotic protein antennapedia'
2 polymer "DNA (5'-D(*AP*GP*AP*AP*AP*GP*CP*(C7S)P*AP*TP*TP*AP*GP*AP*G)-3')"
3 polymer "DNA (5'-D(*TP*CP*TP*CP*TP*AP*AP*TP*GP*GP*CP*TP*TP*TP*C)-3')"
4 non-polymer 'NICKEL (II) ION'
5 water water
#
loop_
_entity_poly.entity_id
_entity_poly.type
_entity_poly.pdbx_seq_one_letter_code
_entity_poly.pdbx_strand_id
1 'polypeptide(L)' MRKRGRQTYTRYQTLELEKEFHFNRYLTRRRRIEIAHALSLTERQIKIWFQNRRMKWKKEN A,D
2 'polydeoxyribonucleotide' (DA)(DG)(DA)(DA)(DA)(DG)(DC)(C7S)(DA)(DT)(DT)(DA)(DG)(DA)(DG) B,E
3 'polydeoxyribonucleotide' (DT)(DC)(DT)(DC)(DT)(DA)(DA)(DT)(DG)(DG)(DC)(DT)(DT)(DT)(DC) C,F
#
loop_
_chem_comp.id
_chem_comp.type
_chem_comp.name
_chem_comp.formula
C7S DNA linking 2'-deoxy-5'-O-thiophosphonocytidine 'C9 H14 N3 O6 P S'
DA DNA linking 2'-DEOXYADENOSINE-5'-MONOPHOSPHATE 'C10 H14 N5 O6 P'
DC DNA linking 2'-DEOXYCYTIDINE-5'-MONOPHOSPHATE 'C9 H14 N3 O7 P'
DG DNA linking 2'-DEOXYGUANOSINE-5'-MONOPHOSPHATE 'C10 H14 N5 O7 P'
DT DNA linking THYMIDINE-5'-MONOPHOSPHATE 'C10 H15 N2 O8 P'
NI non-polymer 'NICKEL (II) ION' 'Ni 2'
#
# COMPACT_ATOMS: atom_id res chain seq x y z
N GLY A 5 -3.20 -3.14 -28.14
CA GLY A 5 -3.72 -3.98 -27.07
C GLY A 5 -3.68 -3.32 -25.69
N ARG A 6 -4.54 -3.79 -24.80
CA ARG A 6 -4.66 -3.23 -23.46
C ARG A 6 -4.49 -4.31 -22.41
N GLN A 7 -3.70 -4.02 -21.38
CA GLN A 7 -3.55 -4.92 -20.26
C GLN A 7 -4.72 -4.75 -19.30
N THR A 8 -5.08 -5.83 -18.60
CA THR A 8 -6.12 -5.81 -17.56
C THR A 8 -5.50 -5.90 -16.17
N TYR A 9 -5.93 -5.02 -15.27
CA TYR A 9 -5.31 -4.92 -13.95
C TYR A 9 -5.95 -5.89 -12.97
N THR A 10 -5.09 -6.57 -12.22
CA THR A 10 -5.55 -7.44 -11.17
C THR A 10 -6.29 -6.64 -10.11
N ARG A 11 -7.08 -7.35 -9.29
CA ARG A 11 -7.66 -6.74 -8.11
C ARG A 11 -6.58 -6.07 -7.28
N TYR A 12 -5.48 -6.79 -7.03
CA TYR A 12 -4.44 -6.29 -6.13
C TYR A 12 -3.89 -4.96 -6.64
N GLN A 13 -3.60 -4.89 -7.94
CA GLN A 13 -3.09 -3.65 -8.49
C GLN A 13 -4.12 -2.54 -8.32
N THR A 14 -5.38 -2.81 -8.67
CA THR A 14 -6.41 -1.79 -8.56
C THR A 14 -6.69 -1.42 -7.11
N LEU A 15 -6.68 -2.42 -6.22
CA LEU A 15 -6.89 -2.16 -4.80
C LEU A 15 -5.76 -1.33 -4.20
N GLU A 16 -4.52 -1.69 -4.51
CA GLU A 16 -3.39 -0.97 -3.95
C GLU A 16 -3.37 0.47 -4.45
N LEU A 17 -3.76 0.69 -5.71
CA LEU A 17 -3.84 2.05 -6.25
C LEU A 17 -4.97 2.84 -5.60
N GLU A 18 -6.17 2.25 -5.54
CA GLU A 18 -7.28 2.96 -4.90
C GLU A 18 -6.96 3.31 -3.47
N LYS A 19 -6.31 2.39 -2.75
CA LYS A 19 -5.84 2.69 -1.40
C LYS A 19 -4.87 3.86 -1.39
N GLU A 20 -4.01 3.95 -2.41
CA GLU A 20 -3.09 5.09 -2.49
C GLU A 20 -3.85 6.38 -2.77
N PHE A 21 -4.79 6.33 -3.72
CA PHE A 21 -5.59 7.49 -4.08
C PHE A 21 -6.38 8.03 -2.90
N HIS A 22 -6.70 7.17 -1.93
CA HIS A 22 -7.41 7.59 -0.72
C HIS A 22 -6.64 8.68 0.01
N PHE A 23 -5.31 8.66 -0.05
CA PHE A 23 -4.51 9.61 0.70
C PHE A 23 -4.19 10.88 -0.09
N ASN A 24 -3.78 10.75 -1.35
CA ASN A 24 -3.49 11.93 -2.15
C ASN A 24 -3.84 11.63 -3.60
N ARG A 25 -4.61 12.53 -4.21
CA ARG A 25 -5.10 12.32 -5.56
C ARG A 25 -4.04 12.62 -6.61
N TYR A 26 -2.89 13.17 -6.22
CA TYR A 26 -1.75 13.37 -7.10
C TYR A 26 -0.53 12.70 -6.52
N LEU A 27 0.39 12.29 -7.39
CA LEU A 27 1.58 11.57 -6.97
C LEU A 27 2.85 12.36 -7.27
N THR A 28 3.84 12.19 -6.39
CA THR A 28 5.18 12.73 -6.60
C THR A 28 6.01 11.74 -7.40
N ARG A 29 7.06 12.27 -8.05
CA ARG A 29 7.90 11.44 -8.91
C ARG A 29 8.53 10.28 -8.13
N ARG A 30 9.02 10.56 -6.92
CA ARG A 30 9.61 9.50 -6.10
C ARG A 30 8.60 8.41 -5.82
N ARG A 31 7.42 8.79 -5.33
CA ARG A 31 6.40 7.80 -5.05
C ARG A 31 5.95 7.08 -6.31
N ARG A 32 5.81 7.82 -7.42
CA ARG A 32 5.32 7.22 -8.66
C ARG A 32 6.23 6.10 -9.14
N ILE A 33 7.55 6.26 -8.97
CA ILE A 33 8.46 5.18 -9.31
C ILE A 33 8.28 4.02 -8.35
N GLU A 34 8.15 4.31 -7.05
CA GLU A 34 7.93 3.26 -6.05
C GLU A 34 6.73 2.39 -6.40
N ILE A 35 5.59 3.02 -6.71
CA ILE A 35 4.37 2.28 -7.00
C ILE A 35 4.52 1.45 -8.27
N ALA A 36 5.11 2.03 -9.32
CA ALA A 36 5.26 1.30 -10.58
C ALA A 36 6.06 0.02 -10.38
N HIS A 37 7.11 0.07 -9.54
CA HIS A 37 7.89 -1.13 -9.28
C HIS A 37 7.11 -2.16 -8.49
N ALA A 38 6.42 -1.73 -7.44
CA ALA A 38 5.72 -2.68 -6.57
C ALA A 38 4.64 -3.43 -7.32
N LEU A 39 3.93 -2.76 -8.20
CA LEU A 39 2.83 -3.37 -8.93
C LEU A 39 3.26 -3.89 -10.29
N SER A 40 4.55 -3.84 -10.60
CA SER A 40 5.08 -4.29 -11.88
C SER A 40 4.31 -3.63 -13.03
N LEU A 41 4.26 -2.31 -12.98
CA LEU A 41 3.68 -1.47 -14.03
C LEU A 41 4.67 -0.38 -14.39
N THR A 42 4.42 0.28 -15.52
CA THR A 42 5.31 1.37 -15.92
C THR A 42 4.92 2.66 -15.20
N GLU A 43 5.88 3.58 -15.11
CA GLU A 43 5.58 4.91 -14.62
C GLU A 43 4.45 5.55 -15.41
N ARG A 44 4.39 5.27 -16.72
CA ARG A 44 3.36 5.86 -17.56
C ARG A 44 1.99 5.35 -17.18
N GLN A 45 1.86 4.06 -16.90
CA GLN A 45 0.56 3.52 -16.51
C GLN A 45 0.08 4.14 -15.22
N ILE A 46 0.97 4.29 -14.25
CA ILE A 46 0.60 4.89 -12.97
C ILE A 46 0.09 6.30 -13.19
N LYS A 47 0.79 7.08 -14.01
CA LYS A 47 0.33 8.43 -14.34
C LYS A 47 -1.07 8.40 -14.94
N ILE A 48 -1.26 7.54 -15.93
CA ILE A 48 -2.54 7.47 -16.65
C ILE A 48 -3.66 6.99 -15.74
N TRP A 49 -3.40 5.97 -14.93
CA TRP A 49 -4.42 5.49 -14.02
C TRP A 49 -4.92 6.60 -13.13
N PHE A 50 -4.00 7.43 -12.62
CA PHE A 50 -4.40 8.55 -11.77
C PHE A 50 -5.11 9.63 -12.58
N GLN A 51 -4.71 9.85 -13.83
CA GLN A 51 -5.47 10.76 -14.68
C GLN A 51 -6.92 10.30 -14.80
N ASN A 52 -7.13 9.02 -15.14
CA ASN A 52 -8.48 8.52 -15.27
C ASN A 52 -9.20 8.55 -13.92
N ARG A 53 -8.52 8.08 -12.88
CA ARG A 53 -9.16 8.03 -11.56
C ARG A 53 -9.53 9.41 -11.06
N ARG A 54 -8.73 10.43 -11.38
CA ARG A 54 -9.10 11.79 -11.02
C ARG A 54 -10.30 12.26 -11.82
N MET A 55 -10.38 11.86 -13.09
CA MET A 55 -11.57 12.17 -13.89
C MET A 55 -12.80 11.43 -13.37
N LYS A 56 -12.62 10.17 -12.96
CA LYS A 56 -13.74 9.43 -12.37
C LYS A 56 -14.18 10.08 -11.06
N TRP A 57 -13.22 10.53 -10.24
CA TRP A 57 -13.56 11.19 -8.99
C TRP A 57 -14.21 12.54 -9.22
N LYS A 58 -13.96 13.15 -10.39
CA LYS A 58 -14.62 14.41 -10.74
C LYS A 58 -16.12 14.21 -10.95
N LYS A 59 -16.51 13.13 -11.64
CA LYS A 59 -17.92 12.91 -11.91
C LYS A 59 -18.69 12.55 -10.65
N GLU A 60 -18.02 11.97 -9.64
CA GLU A 60 -18.65 11.78 -8.34
C GLU A 60 -18.58 13.04 -7.48
N ASN A 61 -17.62 13.93 -7.76
CA ASN A 61 -17.42 15.20 -7.06
C ASN A 61 -17.01 14.97 -5.61
P C7S B 8 -10.67 19.18 -16.52
C5' C7S B 8 -10.81 19.52 -19.10
O5' C7S B 8 -11.43 19.03 -17.93
C4' C7S B 8 -11.00 18.57 -20.27
O4' C7S B 8 -9.84 17.73 -20.41
C3' C7S B 8 -12.20 17.62 -20.18
O3' C7S B 8 -13.22 18.06 -21.08
C2' C7S B 8 -11.63 16.24 -20.58
C1' C7S B 8 -10.24 16.58 -21.12
N1 C7S B 8 -9.21 15.50 -20.91
C2 C7S B 8 -8.42 15.09 -21.98
O2 C7S B 8 -8.58 15.60 -23.09
N3 C7S B 8 -7.48 14.12 -21.78
C4 C7S B 8 -7.32 13.59 -20.58
N4 C7S B 8 -6.39 12.64 -20.43
C5 C7S B 8 -8.11 13.99 -19.47
C6 C7S B 8 -9.03 14.95 -19.67
SP1 C7S B 8 -11.26 20.87 -15.71
OP2 C7S B 8 -10.76 17.84 -15.86
N ARG D 4 18.82 -12.18 19.04
CA ARG D 4 18.73 -11.18 20.10
C ARG D 4 19.03 -9.78 19.54
N GLY D 5 19.09 -9.70 18.21
CA GLY D 5 19.26 -8.44 17.53
C GLY D 5 17.94 -7.92 16.97
N ARG D 6 17.89 -6.62 16.72
CA ARG D 6 16.67 -5.96 16.27
C ARG D 6 16.91 -5.29 14.93
N GLN D 7 16.04 -5.57 13.98
CA GLN D 7 16.07 -4.95 12.67
C GLN D 7 15.38 -3.60 12.72
N THR D 8 15.84 -2.67 11.89
CA THR D 8 15.17 -1.39 11.71
C THR D 8 14.51 -1.36 10.34
N TYR D 9 13.25 -0.96 10.31
CA TYR D 9 12.46 -0.99 9.09
C TYR D 9 12.65 0.29 8.28
N THR D 10 12.75 0.12 6.97
CA THR D 10 12.87 1.25 6.07
C THR D 10 11.66 2.17 6.19
N ARG D 11 11.92 3.47 5.96
CA ARG D 11 10.84 4.44 5.77
C ARG D 11 9.79 3.89 4.82
N TYR D 12 10.22 3.22 3.74
CA TYR D 12 9.28 2.66 2.79
C TYR D 12 8.39 1.60 3.43
N GLN D 13 8.99 0.68 4.19
CA GLN D 13 8.22 -0.38 4.82
C GLN D 13 7.21 0.18 5.81
N THR D 14 7.65 1.04 6.72
CA THR D 14 6.72 1.56 7.71
C THR D 14 5.64 2.39 7.03
N LEU D 15 5.96 3.05 5.92
CA LEU D 15 4.93 3.73 5.16
C LEU D 15 3.91 2.75 4.63
N GLU D 16 4.38 1.66 4.02
CA GLU D 16 3.46 0.69 3.42
C GLU D 16 2.61 0.02 4.48
N LEU D 17 3.18 -0.27 5.66
CA LEU D 17 2.42 -0.90 6.74
C LEU D 17 1.36 0.07 7.29
N GLU D 18 1.76 1.30 7.59
CA GLU D 18 0.80 2.28 8.08
C GLU D 18 -0.31 2.53 7.07
N LYS D 19 0.04 2.56 5.78
CA LYS D 19 -0.97 2.63 4.72
C LYS D 19 -2.02 1.55 4.90
N GLU D 20 -1.59 0.29 4.95
CA GLU D 20 -2.55 -0.79 5.10
C GLU D 20 -3.31 -0.70 6.42
N PHE D 21 -2.62 -0.37 7.50
CA PHE D 21 -3.27 -0.27 8.79
C PHE D 21 -4.40 0.76 8.80
N HIS D 22 -4.31 1.78 7.95
CA HIS D 22 -5.40 2.74 7.86
C HIS D 22 -6.71 2.07 7.46
N PHE D 23 -6.65 1.01 6.66
CA PHE D 23 -7.85 0.38 6.12
C PHE D 23 -8.38 -0.76 6.98
N ASN D 24 -7.52 -1.64 7.45
CA ASN D 24 -8.00 -2.69 8.34
C ASN D 24 -6.91 -2.97 9.37
N ARG D 25 -7.29 -2.89 10.64
CA ARG D 25 -6.34 -3.04 11.73
C ARG D 25 -6.04 -4.50 12.04
N TYR D 26 -6.80 -5.41 11.44
CA TYR D 26 -6.53 -6.84 11.52
C TYR D 26 -6.36 -7.37 10.10
N LEU D 27 -5.54 -8.40 9.97
CA LEU D 27 -5.24 -8.94 8.65
C LEU D 27 -5.69 -10.39 8.55
N THR D 28 -6.12 -10.78 7.35
CA THR D 28 -6.33 -12.19 7.05
C THR D 28 -5.02 -12.77 6.54
N ARG D 29 -4.83 -14.08 6.73
CA ARG D 29 -3.55 -14.67 6.38
C ARG D 29 -3.22 -14.48 4.92
N ARG D 30 -4.24 -14.61 4.05
CA ARG D 30 -4.04 -14.34 2.64
C ARG D 30 -3.39 -12.98 2.42
N ARG D 31 -3.93 -11.94 3.07
CA ARG D 31 -3.35 -10.61 2.92
C ARG D 31 -1.97 -10.53 3.57
N ARG D 32 -1.81 -11.17 4.73
CA ARG D 32 -0.55 -11.10 5.45
C ARG D 32 0.59 -11.65 4.62
N ILE D 33 0.34 -12.71 3.84
CA ILE D 33 1.37 -13.24 2.95
C ILE D 33 1.66 -12.26 1.83
N GLU D 34 0.63 -11.65 1.23
CA GLU D 34 0.84 -10.66 0.19
C GLU D 34 1.78 -9.56 0.68
N ILE D 35 1.47 -8.99 1.85
CA ILE D 35 2.28 -7.91 2.39
C ILE D 35 3.67 -8.39 2.73
N ALA D 36 3.77 -9.56 3.37
CA ALA D 36 5.06 -10.08 3.78
C ALA D 36 5.98 -10.29 2.58
N HIS D 37 5.44 -10.74 1.46
CA HIS D 37 6.30 -10.89 0.29
C HIS D 37 6.56 -9.56 -0.39
N ALA D 38 5.69 -8.57 -0.20
CA ALA D 38 5.90 -7.27 -0.83
C ALA D 38 6.97 -6.47 -0.11
N LEU D 39 7.01 -6.56 1.22
CA LEU D 39 7.97 -5.81 2.02
C LEU D 39 9.19 -6.63 2.39
N SER D 40 9.31 -7.85 1.89
CA SER D 40 10.42 -8.74 2.23
C SER D 40 10.56 -8.88 3.74
N LEU D 41 9.45 -9.23 4.39
CA LEU D 41 9.42 -9.53 5.81
C LEU D 41 8.72 -10.87 6.02
N THR D 42 8.90 -11.43 7.21
CA THR D 42 8.23 -12.70 7.44
C THR D 42 6.79 -12.49 7.87
N GLU D 43 5.98 -13.52 7.66
CA GLU D 43 4.62 -13.52 8.16
C GLU D 43 4.59 -13.20 9.66
N ARG D 44 5.59 -13.66 10.39
CA ARG D 44 5.65 -13.41 11.83
C ARG D 44 5.90 -11.94 12.15
N GLN D 45 6.79 -11.29 11.39
CA GLN D 45 7.04 -9.88 11.62
C GLN D 45 5.78 -9.05 11.38
N ILE D 46 5.03 -9.37 10.32
CA ILE D 46 3.81 -8.63 10.02
C ILE D 46 2.83 -8.73 11.17
N LYS D 47 2.60 -9.95 11.67
CA LYS D 47 1.62 -10.15 12.74
C LYS D 47 2.01 -9.32 13.95
N ILE D 48 3.29 -9.36 14.29
CA ILE D 48 3.80 -8.58 15.42
C ILE D 48 3.68 -7.09 15.15
N TRP D 49 4.03 -6.65 13.95
CA TRP D 49 3.93 -5.23 13.64
C TRP D 49 2.51 -4.73 13.83
N PHE D 50 1.53 -5.50 13.37
CA PHE D 50 0.15 -5.11 13.52
C PHE D 50 -0.32 -5.25 14.96
N GLN D 51 0.18 -6.24 15.69
CA GLN D 51 -0.11 -6.31 17.13
C GLN D 51 0.43 -5.08 17.85
N ASN D 52 1.66 -4.67 17.53
CA ASN D 52 2.19 -3.47 18.18
C ASN D 52 1.42 -2.23 17.78
N ARG D 53 1.15 -2.08 16.48
CA ARG D 53 0.43 -0.91 16.00
C ARG D 53 -0.99 -0.85 16.57
N ARG D 54 -1.63 -2.01 16.74
CA ARG D 54 -2.94 -2.02 17.39
C ARG D 54 -2.83 -1.66 18.86
N MET D 55 -1.76 -2.11 19.53
CA MET D 55 -1.55 -1.69 20.91
C MET D 55 -1.29 -0.20 20.97
N LYS D 56 -0.49 0.33 20.04
CA LYS D 56 -0.27 1.77 20.01
C LYS D 56 -1.55 2.52 19.69
N TRP D 57 -2.33 2.01 18.74
CA TRP D 57 -3.56 2.71 18.37
C TRP D 57 -4.58 2.71 19.50
N LYS D 58 -4.53 1.71 20.38
CA LYS D 58 -5.47 1.69 21.49
C LYS D 58 -5.20 2.81 22.48
N LYS D 59 -3.92 3.07 22.80
CA LYS D 59 -3.59 4.12 23.76
C LYS D 59 -3.85 5.50 23.18
N GLU D 60 -3.29 5.78 22.01
CA GLU D 60 -3.49 7.08 21.37
C GLU D 60 -4.96 7.35 21.06
N ASN D 61 -5.78 6.30 20.94
CA ASN D 61 -7.20 6.40 20.55
C ASN D 61 -7.39 6.88 19.11
P C7S E 8 -5.61 -5.63 25.61
C5' C7S E 8 -4.37 -6.54 27.70
O5' C7S E 8 -4.38 -5.62 26.63
C4' C7S E 8 -2.94 -6.86 28.12
O4' C7S E 8 -2.30 -7.63 27.09
C3' C7S E 8 -2.03 -5.65 28.38
O3' C7S E 8 -1.73 -5.54 29.79
C2' C7S E 8 -0.78 -5.95 27.54
C1' C7S E 8 -0.93 -7.45 27.24
N1 C7S E 8 -0.20 -7.93 26.02
C2 C7S E 8 0.83 -8.85 26.18
O2 C7S E 8 1.12 -9.26 27.32
N3 C7S E 8 1.50 -9.30 25.07
C4 C7S E 8 1.16 -8.84 23.88
N4 C7S E 8 1.85 -9.29 22.83
C5 C7S E 8 0.11 -7.89 23.71
C6 C7S E 8 -0.53 -7.47 24.79
SP1 C7S E 8 -7.24 -5.41 26.68
OP2 C7S E 8 -5.22 -4.75 24.46
NI NI G . -9.10 7.87 5.61
NI NI H . 6.89 27.45 -23.10
NI NI I . -7.17 -26.66 23.63
#